data_4HKI
#
_entry.id   4HKI
#
_cell.length_a   91.400
_cell.length_b   97.950
_cell.length_c   118.760
_cell.angle_alpha   90.00
_cell.angle_beta   90.00
_cell.angle_gamma   90.00
#
_symmetry.space_group_name_H-M   'C 2 2 21'
#
loop_
_entity.id
_entity.type
_entity.pdbx_description
1 polymer Tankyrase-2
2 polymer Tankyrase-2
3 non-polymer 'ZINC ION'
4 non-polymer 'SULFATE ION'
5 non-polymer 2-PHENYL-4H-CHROMEN-4-ONE
6 non-polymer GLYCEROL
7 non-polymer DI(HYDROXYETHYL)ETHER
8 water water
#
loop_
_entity_poly.entity_id
_entity_poly.type
_entity_poly.pdbx_seq_one_letter_code
_entity_poly.pdbx_strand_id
1 'polypeptide(L)'
;MHHHHHHSSGVDLGTENLYFQSMLNTSGSGTILIDLSPDDKEFQSVEEEMQSTVREHRDGGHAGGIFNRYNILKIQKVCN
KKLWERYTHRRKEVSEENHNHANERMLFHGSPFVNAIIHKGFDERHAYIGGMFGAGIYFAENSSKSNQYVYGIGGGTGCP
VHKDRSCYICHRQLLFCRVTLGKSFLQFSAM
;
A,H
2 'polypeptide(L)' KMAHSPPGHHSVTGRPSVNGLALAEYVIYRGEQAYPEYLITYQIMRPEG C,D
#
loop_
_chem_comp.id
_chem_comp.type
_chem_comp.name
_chem_comp.formula
FLN non-polymer 2-PHENYL-4H-CHROMEN-4-ONE 'C15 H10 O2'
GOL non-polymer GLYCEROL 'C3 H8 O3'
PEG non-polymer DI(HYDROXYETHYL)ETHER 'C4 H10 O3'
SO4 non-polymer 'SULFATE ION' 'O4 S -2'
ZN non-polymer 'ZINC ION' 'Zn 2'
#
# COMPACT_ATOMS: atom_id res chain seq x y z
N GLY A 30 26.41 -20.82 -17.62
CA GLY A 30 27.64 -19.99 -17.43
C GLY A 30 27.82 -19.51 -16.00
N THR A 31 26.83 -19.78 -15.14
CA THR A 31 26.93 -19.26 -13.79
C THR A 31 27.68 -20.22 -12.88
N ILE A 32 28.61 -19.71 -12.09
CA ILE A 32 29.13 -20.53 -11.00
C ILE A 32 28.90 -19.82 -9.68
N LEU A 33 28.71 -20.61 -8.63
CA LEU A 33 28.47 -20.11 -7.28
C LEU A 33 29.68 -20.38 -6.38
N ILE A 34 30.36 -19.34 -5.91
CA ILE A 34 31.50 -19.50 -4.99
C ILE A 34 31.06 -19.24 -3.53
N ASP A 35 31.28 -20.21 -2.65
CA ASP A 35 30.97 -20.01 -1.24
C ASP A 35 31.88 -19.06 -0.58
N LEU A 36 31.35 -18.18 0.26
CA LEU A 36 32.19 -17.34 1.09
C LEU A 36 32.28 -17.98 2.44
N SER A 37 33.48 -17.97 2.99
CA SER A 37 33.68 -18.43 4.35
C SER A 37 33.09 -17.39 5.31
N PRO A 38 32.44 -17.84 6.39
CA PRO A 38 32.02 -16.89 7.45
C PRO A 38 33.13 -15.95 7.94
N ASP A 39 34.38 -16.35 7.77
CA ASP A 39 35.55 -15.56 8.17
C ASP A 39 35.92 -14.48 7.18
N ASP A 40 35.38 -14.54 5.98
CA ASP A 40 35.73 -13.59 4.93
C ASP A 40 34.91 -12.34 5.25
N LYS A 41 35.61 -11.21 5.33
CA LYS A 41 35.01 -9.93 5.66
C LYS A 41 33.87 -9.53 4.69
N GLU A 42 33.94 -10.08 3.48
CA GLU A 42 32.90 -9.95 2.49
C GLU A 42 31.62 -10.71 2.91
N PHE A 43 31.76 -11.92 3.45
CA PHE A 43 30.61 -12.62 4.06
C PHE A 43 30.04 -11.76 5.16
N GLN A 44 30.93 -11.24 6.00
CA GLN A 44 30.52 -10.47 7.18
C GLN A 44 29.77 -9.16 6.90
N SER A 45 30.20 -8.42 5.88
CA SER A 45 29.52 -7.20 5.52
C SER A 45 28.14 -7.49 4.85
N VAL A 46 28.04 -8.57 4.07
CA VAL A 46 26.76 -8.94 3.46
C VAL A 46 25.78 -9.40 4.56
N GLU A 47 26.24 -10.24 5.50
CA GLU A 47 25.40 -10.63 6.65
C GLU A 47 24.89 -9.43 7.44
N GLU A 48 25.77 -8.50 7.73
CA GLU A 48 25.41 -7.31 8.49
C GLU A 48 24.31 -6.46 7.77
N GLU A 49 24.38 -6.34 6.44
CA GLU A 49 23.33 -5.65 5.71
C GLU A 49 22.02 -6.45 5.77
N MET A 50 22.09 -7.78 5.73
CA MET A 50 20.89 -8.61 5.89
C MET A 50 20.23 -8.32 7.23
N GLN A 51 21.00 -8.49 8.28
CA GLN A 51 20.48 -8.46 9.66
C GLN A 51 20.04 -7.05 10.07
N SER A 52 20.84 -6.05 9.73
CA SER A 52 20.59 -4.70 10.24
C SER A 52 19.46 -4.00 9.50
N THR A 53 19.02 -4.53 8.37
CA THR A 53 17.94 -3.89 7.65
C THR A 53 16.62 -4.63 7.83
N VAL A 54 16.52 -5.46 8.88
CA VAL A 54 15.22 -6.05 9.26
C VAL A 54 14.34 -4.99 9.95
N ARG A 55 13.05 -4.99 9.66
CA ARG A 55 12.09 -4.13 10.35
C ARG A 55 10.80 -4.88 10.56
N GLU A 56 9.91 -4.29 11.36
CA GLU A 56 8.56 -4.79 11.51
C GLU A 56 7.73 -4.30 10.33
N HIS A 57 6.73 -5.10 9.97
CA HIS A 57 5.91 -4.84 8.80
C HIS A 57 4.50 -4.60 9.19
N ARG A 58 3.79 -3.78 8.41
CA ARG A 58 2.45 -3.32 8.78
C ARG A 58 1.44 -4.46 8.78
N ASP A 59 1.84 -5.58 8.15
CA ASP A 59 1.00 -6.76 8.11
C ASP A 59 1.13 -7.72 9.28
N GLY A 60 1.80 -7.30 10.34
CA GLY A 60 2.11 -8.13 11.50
C GLY A 60 2.86 -9.44 11.24
N GLY A 61 3.46 -9.61 10.06
CA GLY A 61 4.16 -10.85 9.71
C GLY A 61 3.40 -11.77 8.77
N HIS A 62 2.22 -11.35 8.35
CA HIS A 62 1.40 -12.16 7.47
C HIS A 62 2.14 -12.69 6.27
N ALA A 63 2.77 -11.78 5.50
CA ALA A 63 3.41 -12.13 4.22
C ALA A 63 4.71 -12.91 4.40
N GLY A 64 5.52 -12.48 5.36
CA GLY A 64 6.91 -12.89 5.45
C GLY A 64 7.27 -13.60 6.73
N GLY A 65 6.34 -13.67 7.69
CA GLY A 65 6.62 -14.33 8.96
C GLY A 65 7.02 -13.37 10.07
N ILE A 66 7.04 -13.89 11.28
CA ILE A 66 7.36 -13.12 12.47
C ILE A 66 8.79 -13.43 12.84
N PHE A 67 9.64 -12.40 12.74
CA PHE A 67 11.03 -12.54 13.12
C PHE A 67 11.60 -11.14 13.29
N ASN A 68 12.67 -11.07 14.07
CA ASN A 68 13.50 -9.88 14.21
C ASN A 68 14.87 -10.09 13.59
N ARG A 69 15.22 -11.32 13.25
CA ARG A 69 16.51 -11.57 12.66
C ARG A 69 16.53 -12.91 11.99
N TYR A 70 17.63 -13.17 11.29
CA TYR A 70 17.82 -14.38 10.51
C TYR A 70 18.96 -15.23 11.03
N ASN A 71 18.85 -16.53 10.76
CA ASN A 71 19.98 -17.46 10.81
C ASN A 71 20.54 -17.64 9.38
N ILE A 72 21.73 -17.10 9.14
CA ILE A 72 22.36 -17.16 7.84
C ILE A 72 23.09 -18.50 7.66
N LEU A 73 22.65 -19.29 6.68
CA LEU A 73 23.19 -20.63 6.41
C LEU A 73 24.30 -20.61 5.35
N LYS A 74 24.27 -19.65 4.42
CA LYS A 74 25.24 -19.61 3.35
C LYS A 74 25.14 -18.30 2.57
N ILE A 75 26.30 -17.81 2.16
CA ILE A 75 26.38 -16.68 1.26
C ILE A 75 27.28 -17.09 0.11
N GLN A 76 26.76 -16.99 -1.12
CA GLN A 76 27.51 -17.34 -2.31
C GLN A 76 27.62 -16.15 -3.27
N LYS A 77 28.82 -16.01 -3.82
CA LYS A 77 29.09 -15.04 -4.86
C LYS A 77 28.62 -15.66 -6.16
N VAL A 78 27.80 -14.91 -6.90
CA VAL A 78 27.29 -15.33 -8.19
C VAL A 78 28.21 -14.78 -9.31
N CYS A 79 28.82 -15.67 -10.09
CA CYS A 79 29.73 -15.29 -11.17
C CYS A 79 29.24 -15.75 -12.50
N ASN A 80 28.96 -14.79 -13.37
CA ASN A 80 28.62 -15.05 -14.74
C ASN A 80 29.15 -13.90 -15.58
N LYS A 81 30.13 -14.20 -16.40
CA LYS A 81 30.80 -13.19 -17.20
C LYS A 81 29.81 -12.55 -18.17
N LYS A 82 29.05 -13.33 -18.91
CA LYS A 82 28.07 -12.74 -19.81
C LYS A 82 27.06 -11.80 -19.10
N LEU A 83 26.55 -12.23 -17.93
CA LEU A 83 25.53 -11.45 -17.26
C LEU A 83 26.16 -10.18 -16.68
N TRP A 84 27.38 -10.30 -16.17
CA TRP A 84 28.11 -9.17 -15.66
C TRP A 84 28.33 -8.13 -16.73
N GLU A 85 28.76 -8.57 -17.91
CA GLU A 85 29.04 -7.63 -19.01
C GLU A 85 27.75 -7.03 -19.56
N ARG A 86 26.69 -7.81 -19.51
CA ARG A 86 25.38 -7.27 -19.79
C ARG A 86 25.14 -6.11 -18.81
N TYR A 87 25.36 -6.36 -17.51
CA TYR A 87 25.13 -5.29 -16.50
C TYR A 87 25.99 -4.02 -16.76
N THR A 88 27.29 -4.21 -16.97
CA THR A 88 28.24 -3.05 -17.03
C THR A 88 28.06 -2.25 -18.32
N HIS A 89 27.62 -2.91 -19.40
CA HIS A 89 27.31 -2.23 -20.66
C HIS A 89 26.20 -1.23 -20.47
N ARG A 90 25.09 -1.69 -19.93
CA ARG A 90 23.97 -0.84 -19.61
C ARG A 90 24.34 0.24 -18.55
N ARG A 91 25.21 -0.09 -17.62
CA ARG A 91 25.61 0.82 -16.57
C ARG A 91 26.28 2.05 -17.20
N LYS A 92 27.16 1.81 -18.17
CA LYS A 92 27.87 2.89 -18.84
C LYS A 92 26.90 3.73 -19.66
N GLU A 93 25.86 3.14 -20.23
CA GLU A 93 24.87 3.94 -20.94
C GLU A 93 24.09 4.87 -20.01
N VAL A 94 23.62 4.33 -18.88
CA VAL A 94 22.93 5.14 -17.90
C VAL A 94 23.85 6.25 -17.42
N SER A 95 25.08 5.88 -17.10
CA SER A 95 26.05 6.81 -16.59
C SER A 95 26.27 7.99 -17.54
N GLU A 96 26.45 7.65 -18.80
CA GLU A 96 26.69 8.66 -19.79
C GLU A 96 25.46 9.56 -19.98
N GLU A 97 24.26 9.07 -19.68
CA GLU A 97 23.05 9.92 -19.69
C GLU A 97 22.83 10.74 -18.39
N ASN A 98 23.72 10.60 -17.40
CA ASN A 98 23.49 11.21 -16.08
C ASN A 98 24.82 11.72 -15.52
N HIS A 99 25.46 12.62 -16.25
CA HIS A 99 26.74 13.24 -15.85
C HIS A 99 27.67 12.25 -15.23
N ASN A 100 27.84 11.11 -15.88
CA ASN A 100 28.78 10.08 -15.40
C ASN A 100 28.50 9.58 -13.98
N HIS A 101 27.21 9.31 -13.69
CA HIS A 101 26.76 8.86 -12.36
C HIS A 101 25.77 7.74 -12.56
N ALA A 102 26.22 6.50 -12.39
CA ALA A 102 25.36 5.30 -12.50
C ALA A 102 24.33 5.26 -11.37
N ASN A 103 24.62 5.95 -10.27
CA ASN A 103 23.77 5.93 -9.07
C ASN A 103 23.47 4.47 -8.68
N GLU A 104 24.56 3.74 -8.44
CA GLU A 104 24.53 2.31 -8.19
C GLU A 104 24.34 2.02 -6.71
N ARG A 105 23.44 1.11 -6.40
CA ARG A 105 23.15 0.68 -5.03
C ARG A 105 23.25 -0.85 -4.88
N MET A 106 23.37 -1.29 -3.62
CA MET A 106 23.19 -2.68 -3.31
C MET A 106 21.84 -2.83 -2.61
N LEU A 107 21.00 -3.67 -3.20
CA LEU A 107 19.61 -3.81 -2.78
C LEU A 107 19.20 -5.26 -2.80
N PHE A 108 18.18 -5.60 -2.04
CA PHE A 108 17.72 -6.94 -1.90
C PHE A 108 16.63 -7.24 -2.89
N HIS A 109 16.57 -8.48 -3.32
CA HIS A 109 15.47 -8.97 -4.10
C HIS A 109 15.10 -10.34 -3.62
N GLY A 110 13.80 -10.59 -3.45
CA GLY A 110 13.27 -11.89 -3.05
C GLY A 110 12.27 -12.37 -4.10
N SER A 111 12.40 -13.61 -4.55
CA SER A 111 11.59 -14.08 -5.66
C SER A 111 11.49 -15.58 -5.71
N PRO A 112 10.32 -16.11 -6.11
CA PRO A 112 10.31 -17.55 -6.38
C PRO A 112 11.21 -17.90 -7.55
N PHE A 113 11.61 -16.92 -8.35
CA PHE A 113 12.41 -17.21 -9.56
C PHE A 113 13.92 -17.03 -9.36
N VAL A 114 14.40 -17.06 -8.13
CA VAL A 114 15.82 -16.81 -7.86
C VAL A 114 16.73 -17.71 -8.67
N ASN A 115 16.36 -18.96 -8.86
CA ASN A 115 17.22 -19.84 -9.57
C ASN A 115 17.29 -19.52 -11.04
N ALA A 116 16.17 -19.17 -11.68
CA ALA A 116 16.23 -18.67 -13.05
C ALA A 116 16.99 -17.33 -13.13
N ILE A 117 16.89 -16.50 -12.09
CA ILE A 117 17.60 -15.20 -12.14
C ILE A 117 19.11 -15.38 -12.13
N ILE A 118 19.61 -16.25 -11.25
CA ILE A 118 21.06 -16.38 -11.13
C ILE A 118 21.69 -17.06 -12.37
N HIS A 119 20.91 -17.86 -13.12
CA HIS A 119 21.40 -18.48 -14.37
C HIS A 119 21.20 -17.72 -15.64
N LYS A 120 20.09 -17.01 -15.77
CA LYS A 120 19.75 -16.36 -17.04
C LYS A 120 19.66 -14.84 -16.96
N GLY A 121 19.84 -14.27 -15.75
CA GLY A 121 19.73 -12.83 -15.55
C GLY A 121 18.30 -12.36 -15.34
N PHE A 122 18.14 -11.15 -14.83
CA PHE A 122 16.82 -10.53 -14.69
C PHE A 122 16.17 -10.21 -16.05
N ASP A 123 14.87 -10.44 -16.16
CA ASP A 123 14.11 -9.93 -17.31
C ASP A 123 12.60 -9.77 -16.99
N GLU A 124 11.80 -9.46 -18.03
CA GLU A 124 10.33 -9.28 -17.88
C GLU A 124 9.57 -10.36 -17.12
N ARG A 125 10.07 -11.59 -17.06
CA ARG A 125 9.36 -12.65 -16.31
C ARG A 125 9.51 -12.49 -14.81
N HIS A 126 10.42 -11.63 -14.37
CA HIS A 126 10.64 -11.38 -12.95
C HIS A 126 10.05 -10.08 -12.45
N ALA A 127 9.27 -9.40 -13.32
CA ALA A 127 8.68 -8.10 -13.02
C ALA A 127 7.48 -8.31 -12.12
N TYR A 128 7.08 -7.28 -11.38
CA TYR A 128 5.87 -7.35 -10.56
C TYR A 128 4.78 -6.62 -11.32
N ILE A 129 4.00 -7.35 -12.11
CA ILE A 129 2.99 -6.72 -12.97
C ILE A 129 2.09 -5.80 -12.16
N GLY A 130 1.63 -6.24 -10.99
CA GLY A 130 0.74 -5.40 -10.18
C GLY A 130 1.40 -4.43 -9.19
N GLY A 131 2.69 -4.16 -9.33
CA GLY A 131 3.37 -3.30 -8.36
C GLY A 131 2.84 -1.89 -8.32
N MET A 132 3.05 -1.22 -7.22
CA MET A 132 2.51 0.13 -7.01
C MET A 132 3.14 1.19 -7.92
N PHE A 133 4.27 0.85 -8.54
CA PHE A 133 4.94 1.78 -9.43
C PHE A 133 5.01 1.20 -10.79
N GLY A 134 4.09 0.31 -11.09
CA GLY A 134 3.99 -0.25 -12.44
C GLY A 134 4.75 -1.54 -12.56
N ALA A 135 4.69 -2.12 -13.75
CA ALA A 135 5.21 -3.43 -14.02
C ALA A 135 6.72 -3.30 -14.25
N GLY A 136 7.48 -3.40 -13.17
CA GLY A 136 8.93 -3.46 -13.28
C GLY A 136 9.49 -4.45 -12.28
N ILE A 137 10.80 -4.43 -12.14
CA ILE A 137 11.49 -5.34 -11.24
C ILE A 137 11.79 -4.56 -9.96
N TYR A 138 11.32 -5.10 -8.84
CA TYR A 138 11.28 -4.36 -7.57
C TYR A 138 12.44 -4.80 -6.66
N PHE A 139 13.02 -3.85 -5.95
CA PHE A 139 14.12 -4.04 -5.02
C PHE A 139 13.91 -3.27 -3.72
N ALA A 140 14.47 -3.76 -2.63
CA ALA A 140 14.27 -3.11 -1.32
C ALA A 140 15.59 -2.87 -0.57
N GLU A 141 15.63 -1.78 0.17
CA GLU A 141 16.69 -1.58 1.17
C GLU A 141 16.48 -2.45 2.38
N ASN A 142 15.23 -2.59 2.82
CA ASN A 142 14.93 -3.57 3.87
C ASN A 142 14.93 -5.02 3.35
N SER A 143 15.88 -5.82 3.84
CA SER A 143 15.89 -7.25 3.58
C SER A 143 14.55 -7.90 3.91
N SER A 144 13.93 -7.47 5.01
CA SER A 144 12.67 -8.03 5.49
C SER A 144 11.53 -7.74 4.53
N LYS A 145 11.67 -6.67 3.75
CA LYS A 145 10.69 -6.38 2.69
C LYS A 145 10.77 -7.42 1.54
N SER A 146 11.99 -7.69 1.08
CA SER A 146 12.22 -8.66 0.03
C SER A 146 11.85 -10.06 0.52
N ASN A 147 12.10 -10.32 1.80
CA ASN A 147 11.66 -11.60 2.39
C ASN A 147 10.16 -11.91 2.18
N GLN A 148 9.33 -10.87 2.15
CA GLN A 148 7.91 -11.03 1.95
C GLN A 148 7.57 -11.59 0.55
N TYR A 149 8.51 -11.55 -0.39
CA TYR A 149 8.24 -12.00 -1.77
C TYR A 149 8.87 -13.35 -2.12
N VAL A 150 9.59 -13.96 -1.19
CA VAL A 150 10.39 -15.14 -1.48
C VAL A 150 9.50 -16.31 -1.90
N TYR A 151 8.33 -16.43 -1.25
CA TYR A 151 7.36 -17.47 -1.56
C TYR A 151 6.23 -16.96 -2.42
N GLY A 152 6.41 -15.78 -2.99
CA GLY A 152 5.46 -15.17 -3.93
C GLY A 152 4.95 -13.83 -3.44
N ILE A 153 4.04 -13.28 -4.22
CA ILE A 153 3.41 -11.98 -3.95
C ILE A 153 2.57 -12.16 -2.70
N GLY A 154 2.75 -11.28 -1.71
CA GLY A 154 2.10 -11.46 -0.41
C GLY A 154 2.52 -12.73 0.34
N GLY A 155 3.69 -13.29 0.02
CA GLY A 155 4.12 -14.53 0.63
C GLY A 155 3.45 -15.79 0.06
N GLY A 156 2.59 -15.60 -0.95
CA GLY A 156 1.91 -16.71 -1.59
C GLY A 156 1.26 -17.62 -0.59
N THR A 157 1.48 -18.92 -0.73
CA THR A 157 0.98 -19.90 0.24
C THR A 157 2.07 -20.36 1.21
N GLY A 158 3.14 -19.58 1.34
CA GLY A 158 4.23 -19.92 2.27
C GLY A 158 5.12 -21.01 1.69
N CYS A 159 5.96 -21.59 2.55
CA CYS A 159 6.91 -22.61 2.14
C CYS A 159 6.23 -23.75 1.39
N PRO A 160 6.96 -24.35 0.45
CA PRO A 160 6.42 -25.49 -0.30
C PRO A 160 6.02 -26.65 0.61
N VAL A 161 6.83 -26.93 1.62
CA VAL A 161 6.66 -28.14 2.42
C VAL A 161 5.57 -28.06 3.49
N HIS A 162 5.51 -26.96 4.25
CA HIS A 162 4.47 -26.78 5.28
C HIS A 162 3.36 -25.80 4.97
N LYS A 163 3.38 -25.15 3.81
CA LYS A 163 2.42 -24.04 3.50
C LYS A 163 2.37 -23.02 4.63
N ASP A 164 3.54 -22.62 5.11
CA ASP A 164 3.66 -21.73 6.23
C ASP A 164 4.48 -20.47 5.84
N ARG A 165 3.77 -19.36 5.71
CA ARG A 165 4.41 -18.11 5.36
C ARG A 165 5.45 -17.68 6.39
N SER A 166 5.27 -18.16 7.63
CA SER A 166 6.19 -17.92 8.75
C SER A 166 7.03 -19.16 9.10
N CYS A 167 7.25 -20.06 8.13
CA CYS A 167 8.02 -21.28 8.45
C CYS A 167 9.39 -20.95 9.02
N TYR A 168 9.71 -21.54 10.16
CA TYR A 168 11.03 -21.37 10.79
C TYR A 168 12.02 -22.49 10.40
N ILE A 169 11.56 -23.46 9.62
CA ILE A 169 12.34 -24.65 9.31
C ILE A 169 12.95 -24.57 7.92
N CYS A 170 12.09 -24.33 6.93
CA CYS A 170 12.52 -24.37 5.55
C CYS A 170 13.56 -23.28 5.22
N HIS A 171 14.45 -23.61 4.31
CA HIS A 171 15.55 -22.73 3.90
C HIS A 171 15.01 -21.76 2.91
N ARG A 172 15.25 -20.48 3.12
CA ARG A 172 14.86 -19.42 2.17
C ARG A 172 16.08 -18.84 1.47
N GLN A 173 15.88 -18.25 0.30
CA GLN A 173 16.96 -17.59 -0.42
C GLN A 173 16.58 -16.18 -0.86
N LEU A 174 17.48 -15.22 -0.60
CA LEU A 174 17.40 -13.86 -1.10
C LEU A 174 18.59 -13.56 -2.00
N LEU A 175 18.41 -12.59 -2.92
CA LEU A 175 19.51 -12.00 -3.66
C LEU A 175 19.88 -10.63 -3.13
N PHE A 176 21.17 -10.36 -3.04
CA PHE A 176 21.69 -9.02 -2.72
C PHE A 176 22.34 -8.47 -4.00
N CYS A 177 21.73 -7.45 -4.59
CA CYS A 177 21.97 -7.16 -6.02
C CYS A 177 22.59 -5.79 -6.22
N ARG A 178 23.44 -5.67 -7.23
CA ARG A 178 23.95 -4.39 -7.70
C ARG A 178 22.93 -3.85 -8.69
N VAL A 179 22.40 -2.66 -8.42
CA VAL A 179 21.34 -2.08 -9.22
C VAL A 179 21.75 -0.65 -9.67
N THR A 180 21.57 -0.38 -10.96
CA THR A 180 21.85 0.93 -11.51
C THR A 180 20.54 1.69 -11.46
N LEU A 181 20.47 2.78 -10.68
CA LEU A 181 19.24 3.56 -10.62
C LEU A 181 19.27 4.75 -11.58
N GLY A 182 20.45 5.19 -11.98
CA GLY A 182 20.54 6.41 -12.79
C GLY A 182 19.74 7.58 -12.22
N LYS A 183 19.01 8.27 -13.08
CA LYS A 183 18.12 9.37 -12.63
C LYS A 183 16.81 8.75 -12.21
N SER A 184 16.52 8.80 -10.91
CA SER A 184 15.38 8.03 -10.38
C SER A 184 14.16 8.94 -10.15
N PHE A 185 13.01 8.55 -10.68
CA PHE A 185 11.79 9.31 -10.39
C PHE A 185 11.33 9.07 -8.93
N LEU A 186 11.28 10.15 -8.14
CA LEU A 186 10.89 10.11 -6.72
C LEU A 186 9.38 10.11 -6.59
N GLN A 187 8.86 9.08 -5.93
CA GLN A 187 7.45 8.93 -5.68
C GLN A 187 7.24 8.89 -4.19
N PHE A 188 6.49 9.86 -3.64
CA PHE A 188 6.14 9.85 -2.22
C PHE A 188 4.91 8.95 -2.15
N SER A 189 4.85 8.13 -1.11
CA SER A 189 3.92 7.00 -1.19
C SER A 189 3.61 6.44 0.18
N ALA A 190 2.32 6.25 0.45
CA ALA A 190 1.84 5.52 1.62
C ALA A 190 1.82 4.01 1.34
N MET B 2 6.53 -5.41 -19.63
CA MET B 2 7.19 -4.53 -18.67
C MET B 2 6.96 -3.05 -19.06
N ALA B 3 6.67 -2.18 -18.08
CA ALA B 3 6.43 -0.76 -18.36
C ALA B 3 7.72 -0.04 -18.79
N HIS B 4 7.68 1.28 -18.89
CA HIS B 4 8.87 2.06 -19.15
C HIS B 4 9.13 2.95 -17.97
N SER B 5 10.40 3.30 -17.77
CA SER B 5 10.77 4.33 -16.79
C SER B 5 10.01 5.61 -17.14
N PRO B 6 9.68 6.42 -16.14
CA PRO B 6 9.14 7.71 -16.54
C PRO B 6 10.08 8.45 -17.52
N PRO B 7 9.52 9.16 -18.52
CA PRO B 7 10.35 9.91 -19.50
C PRO B 7 11.46 10.72 -18.80
N GLY B 8 12.69 10.58 -19.30
CA GLY B 8 13.84 11.26 -18.69
C GLY B 8 14.48 10.60 -17.44
N HIS B 9 14.01 9.42 -17.03
CA HIS B 9 14.48 8.74 -15.83
C HIS B 9 14.88 7.32 -16.11
N HIS B 10 15.64 6.70 -15.21
CA HIS B 10 16.10 5.31 -15.40
C HIS B 10 15.55 4.31 -14.42
N SER B 11 14.72 4.79 -13.49
CA SER B 11 14.21 3.99 -12.39
C SER B 11 13.17 4.81 -11.62
N VAL B 12 12.51 4.20 -10.64
CA VAL B 12 11.56 4.89 -9.79
C VAL B 12 11.98 4.56 -8.39
N THR B 13 11.95 5.56 -7.50
CA THR B 13 12.16 5.37 -6.07
C THR B 13 10.85 5.50 -5.30
N GLY B 14 10.50 4.49 -4.52
CA GLY B 14 9.33 4.53 -3.68
C GLY B 14 9.77 5.01 -2.31
N ARG B 15 9.57 6.30 -2.06
CA ARG B 15 9.98 6.94 -0.83
C ARG B 15 8.88 6.72 0.23
N PRO B 16 9.24 6.13 1.38
CA PRO B 16 8.22 5.83 2.39
C PRO B 16 7.70 7.11 3.06
N SER B 17 6.39 7.14 3.30
CA SER B 17 5.64 8.39 3.55
C SER B 17 4.60 8.35 4.71
N VAL B 18 4.54 7.23 5.43
CA VAL B 18 3.58 7.05 6.55
C VAL B 18 4.40 6.38 7.67
N ASN B 19 4.78 5.11 7.43
CA ASN B 19 5.71 4.34 8.30
C ASN B 19 7.11 4.98 8.29
N GLY B 20 7.35 5.74 9.36
CA GLY B 20 8.63 6.36 9.60
C GLY B 20 9.81 5.41 9.64
N LEU B 21 9.58 4.13 9.91
CA LEU B 21 10.73 3.21 9.97
C LEU B 21 11.07 2.47 8.64
N ALA B 22 10.19 2.60 7.65
CA ALA B 22 10.38 1.90 6.36
C ALA B 22 11.49 2.52 5.60
N LEU B 23 12.36 1.68 5.00
CA LEU B 23 13.33 2.16 4.03
C LEU B 23 12.73 2.20 2.62
N ALA B 24 13.48 2.82 1.72
CA ALA B 24 13.09 3.00 0.35
C ALA B 24 13.01 1.65 -0.42
N GLU B 25 12.20 1.67 -1.47
CA GLU B 25 12.07 0.57 -2.44
C GLU B 25 12.25 1.18 -3.82
N TYR B 26 12.75 0.38 -4.76
CA TYR B 26 13.14 0.89 -6.05
C TYR B 26 12.59 -0.02 -7.14
N VAL B 27 12.36 0.56 -8.34
CA VAL B 27 11.92 -0.23 -9.49
C VAL B 27 12.74 0.17 -10.72
N ILE B 28 13.25 -0.85 -11.43
CA ILE B 28 13.92 -0.69 -12.73
C ILE B 28 13.00 -1.38 -13.75
N TYR B 29 13.09 -0.90 -14.99
CA TYR B 29 12.24 -1.37 -16.09
C TYR B 29 13.03 -2.11 -17.16
N ARG B 30 14.34 -2.27 -16.91
CA ARG B 30 15.27 -3.02 -17.79
CA ARG B 30 15.27 -3.01 -17.78
C ARG B 30 16.00 -4.07 -16.94
N GLY B 31 15.91 -5.35 -17.30
CA GLY B 31 16.63 -6.38 -16.54
C GLY B 31 18.16 -6.21 -16.46
N GLU B 32 18.71 -5.52 -17.44
CA GLU B 32 20.15 -5.31 -17.55
C GLU B 32 20.65 -4.28 -16.56
N GLN B 33 19.75 -3.62 -15.82
CA GLN B 33 20.15 -2.68 -14.76
C GLN B 33 20.33 -3.29 -13.37
N ALA B 34 20.31 -4.62 -13.26
CA ALA B 34 20.61 -5.30 -12.01
C ALA B 34 21.50 -6.54 -12.26
N TYR B 35 22.47 -6.78 -11.39
CA TYR B 35 23.25 -7.99 -11.40
C TYR B 35 23.13 -8.66 -9.99
N PRO B 36 22.76 -9.93 -9.97
CA PRO B 36 22.57 -10.60 -8.71
C PRO B 36 23.90 -11.07 -8.08
N GLU B 37 24.56 -10.22 -7.32
CA GLU B 37 25.90 -10.50 -6.80
C GLU B 37 25.97 -11.63 -5.81
N TYR B 38 25.07 -11.63 -4.83
CA TYR B 38 25.07 -12.64 -3.77
C TYR B 38 23.74 -13.37 -3.67
N LEU B 39 23.85 -14.70 -3.53
CA LEU B 39 22.77 -15.60 -3.16
C LEU B 39 22.96 -15.94 -1.68
N ILE B 40 21.99 -15.52 -0.88
CA ILE B 40 22.02 -15.72 0.56
C ILE B 40 20.95 -16.73 0.90
N THR B 41 21.35 -17.82 1.56
CA THR B 41 20.43 -18.86 2.02
C THR B 41 20.28 -18.71 3.55
N TYR B 42 19.04 -18.79 4.05
CA TYR B 42 18.81 -18.43 5.44
C TYR B 42 17.49 -18.96 5.96
N GLN B 43 17.33 -18.87 7.27
CA GLN B 43 16.04 -19.08 7.89
C GLN B 43 15.68 -17.81 8.68
N ILE B 44 14.39 -17.50 8.73
CA ILE B 44 13.91 -16.50 9.69
C ILE B 44 13.89 -17.21 11.06
N MET B 45 14.18 -16.48 12.12
CA MET B 45 14.22 -17.06 13.45
C MET B 45 13.02 -16.66 14.31
N ARG B 46 12.42 -17.63 15.00
CA ARG B 46 11.35 -17.34 15.97
C ARG B 46 11.86 -16.45 17.11
N PRO B 47 11.20 -15.31 17.36
CA PRO B 47 11.63 -14.45 18.47
C PRO B 47 11.47 -15.14 19.83
N GLU B 48 12.35 -14.84 20.77
CA GLU B 48 12.25 -15.33 22.15
C GLU B 48 11.53 -14.32 23.01
N GLY C 30 -2.23 -1.79 17.68
CA GLY C 30 -2.92 -3.12 17.57
C GLY C 30 -3.47 -3.41 16.18
N THR C 31 -3.23 -2.52 15.23
CA THR C 31 -3.81 -2.68 13.89
C THR C 31 -2.88 -3.45 12.98
N ILE C 32 -3.38 -4.45 12.28
CA ILE C 32 -2.64 -5.03 11.15
C ILE C 32 -3.39 -4.78 9.83
N LEU C 33 -2.60 -4.62 8.75
CA LEU C 33 -3.12 -4.42 7.43
C LEU C 33 -2.74 -5.63 6.59
N ILE C 34 -3.72 -6.24 5.96
CA ILE C 34 -3.54 -7.42 5.15
C ILE C 34 -3.84 -7.07 3.70
N ASP C 35 -2.90 -7.31 2.79
CA ASP C 35 -3.15 -6.99 1.37
C ASP C 35 -4.17 -7.90 0.77
N LEU C 36 -5.07 -7.34 -0.02
CA LEU C 36 -5.93 -8.17 -0.86
C LEU C 36 -5.29 -8.28 -2.25
N SER C 37 -5.34 -9.49 -2.78
CA SER C 37 -4.84 -9.78 -4.12
C SER C 37 -5.78 -9.20 -5.18
N PRO C 38 -5.25 -8.57 -6.23
CA PRO C 38 -6.17 -8.12 -7.27
C PRO C 38 -7.00 -9.26 -7.89
N ASP C 39 -6.53 -10.50 -7.76
CA ASP C 39 -7.27 -11.68 -8.29
C ASP C 39 -8.40 -12.12 -7.37
N ASP C 40 -8.43 -11.60 -6.15
CA ASP C 40 -9.44 -11.91 -5.13
C ASP C 40 -10.76 -11.18 -5.50
N LYS C 41 -11.89 -11.84 -5.27
CA LYS C 41 -13.19 -11.25 -5.54
C LYS C 41 -13.44 -10.10 -4.58
N GLU C 42 -12.95 -10.24 -3.36
CA GLU C 42 -13.08 -9.17 -2.41
C GLU C 42 -12.45 -7.85 -2.87
N PHE C 43 -11.26 -7.94 -3.47
CA PHE C 43 -10.56 -6.80 -4.06
C PHE C 43 -11.42 -6.24 -5.17
N GLN C 44 -11.87 -7.13 -6.04
CA GLN C 44 -12.63 -6.74 -7.22
C GLN C 44 -13.93 -6.01 -6.89
N SER C 45 -14.64 -6.45 -5.84
CA SER C 45 -15.89 -5.80 -5.48
CA SER C 45 -15.89 -5.82 -5.45
C SER C 45 -15.63 -4.41 -4.89
N VAL C 46 -14.58 -4.29 -4.08
CA VAL C 46 -14.23 -3.00 -3.54
C VAL C 46 -13.83 -2.03 -4.66
N GLU C 47 -13.02 -2.49 -5.61
CA GLU C 47 -12.67 -1.65 -6.76
C GLU C 47 -13.93 -1.24 -7.53
N GLU C 48 -14.83 -2.19 -7.78
CA GLU C 48 -16.07 -1.86 -8.46
C GLU C 48 -16.89 -0.80 -7.69
N GLU C 49 -17.01 -0.95 -6.38
CA GLU C 49 -17.65 0.08 -5.60
C GLU C 49 -16.99 1.48 -5.77
N MET C 50 -15.66 1.53 -5.72
CA MET C 50 -14.94 2.78 -5.96
C MET C 50 -15.25 3.37 -7.33
N GLN C 51 -15.07 2.56 -8.37
CA GLN C 51 -15.10 3.02 -9.74
C GLN C 51 -16.51 3.43 -10.19
N SER C 52 -17.51 2.68 -9.75
CA SER C 52 -18.82 2.86 -10.26
C SER C 52 -19.56 3.98 -9.54
N THR C 53 -19.01 4.49 -8.45
CA THR C 53 -19.61 5.61 -7.71
C THR C 53 -18.85 6.95 -7.86
N VAL C 54 -18.01 7.04 -8.88
CA VAL C 54 -17.47 8.33 -9.31
C VAL C 54 -18.59 9.11 -10.00
N ARG C 55 -18.63 10.41 -9.78
CA ARG C 55 -19.58 11.25 -10.49
C ARG C 55 -18.89 12.56 -10.73
N GLU C 56 -19.54 13.41 -11.51
CA GLU C 56 -19.09 14.79 -11.65
C GLU C 56 -19.49 15.59 -10.44
N HIS C 57 -18.69 16.60 -10.12
CA HIS C 57 -18.97 17.52 -9.03
C HIS C 57 -19.21 18.91 -9.52
N ARG C 58 -20.06 19.65 -8.81
CA ARG C 58 -20.46 20.99 -9.23
C ARG C 58 -19.37 22.04 -9.08
N ASP C 59 -18.27 21.73 -8.39
CA ASP C 59 -17.10 22.60 -8.41
C ASP C 59 -16.15 22.42 -9.59
N GLY C 60 -16.57 21.66 -10.59
CA GLY C 60 -15.74 21.33 -11.76
C GLY C 60 -14.41 20.60 -11.48
N GLY C 61 -14.29 19.94 -10.33
CA GLY C 61 -13.02 19.34 -9.95
C GLY C 61 -12.18 20.14 -8.97
N HIS C 62 -12.64 21.33 -8.59
CA HIS C 62 -11.83 22.17 -7.70
C HIS C 62 -11.23 21.48 -6.50
N ALA C 63 -12.07 20.80 -5.73
CA ALA C 63 -11.67 20.23 -4.45
C ALA C 63 -10.90 18.93 -4.63
N GLY C 64 -11.45 18.03 -5.43
CA GLY C 64 -10.87 16.70 -5.61
C GLY C 64 -10.12 16.38 -6.88
N GLY C 65 -10.14 17.29 -7.85
CA GLY C 65 -9.51 17.03 -9.16
C GLY C 65 -10.46 16.62 -10.26
N ILE C 66 -9.93 16.55 -11.48
CA ILE C 66 -10.71 16.28 -12.68
C ILE C 66 -10.38 14.85 -13.07
N PHE C 67 -11.40 13.99 -13.04
CA PHE C 67 -11.23 12.57 -13.32
C PHE C 67 -12.59 11.87 -13.44
N ASN C 68 -12.58 10.78 -14.21
CA ASN C 68 -13.71 9.90 -14.38
C ASN C 68 -13.52 8.54 -13.69
N ARG C 69 -12.28 8.20 -13.36
CA ARG C 69 -11.96 6.89 -12.79
C ARG C 69 -10.63 6.91 -12.05
N TYR C 70 -10.36 5.84 -11.32
CA TYR C 70 -9.16 5.74 -10.50
C TYR C 70 -8.22 4.68 -11.08
N ASN C 71 -6.95 4.87 -10.80
CA ASN C 71 -6.00 3.76 -10.80
C ASN C 71 -5.86 3.25 -9.33
N ILE C 72 -6.41 2.07 -9.07
CA ILE C 72 -6.34 1.44 -7.76
C ILE C 72 -5.01 0.73 -7.65
N LEU C 73 -4.22 1.09 -6.64
CA LEU C 73 -2.86 0.58 -6.48
C LEU C 73 -2.80 -0.52 -5.42
N LYS C 74 -3.64 -0.42 -4.40
CA LYS C 74 -3.66 -1.36 -3.31
C LYS C 74 -4.98 -1.27 -2.54
N ILE C 75 -5.48 -2.42 -2.08
CA ILE C 75 -6.63 -2.47 -1.18
C ILE C 75 -6.18 -3.36 -0.01
N GLN C 76 -6.22 -2.85 1.20
CA GLN C 76 -5.85 -3.60 2.39
C GLN C 76 -7.00 -3.75 3.36
N LYS C 77 -7.12 -4.93 3.95
CA LYS C 77 -8.08 -5.19 5.01
C LYS C 77 -7.45 -4.62 6.30
N VAL C 78 -8.20 -3.81 7.04
CA VAL C 78 -7.75 -3.26 8.33
C VAL C 78 -8.29 -4.11 9.51
N CYS C 79 -7.40 -4.55 10.41
CA CYS C 79 -7.74 -5.53 11.42
C CYS C 79 -7.24 -5.07 12.73
N ASN C 80 -8.13 -5.06 13.69
CA ASN C 80 -7.84 -4.58 14.97
C ASN C 80 -8.96 -5.05 15.85
N LYS C 81 -8.64 -6.03 16.70
CA LYS C 81 -9.60 -6.74 17.53
C LYS C 81 -10.30 -5.80 18.49
N LYS C 82 -9.55 -4.95 19.17
CA LYS C 82 -10.15 -4.01 20.12
C LYS C 82 -11.09 -2.99 19.45
N LEU C 83 -10.70 -2.41 18.31
CA LEU C 83 -11.56 -1.43 17.62
C LEU C 83 -12.80 -2.09 17.02
N TRP C 84 -12.66 -3.35 16.62
CA TRP C 84 -13.76 -4.13 16.07
C TRP C 84 -14.80 -4.40 17.15
N GLU C 85 -14.33 -4.82 18.32
CA GLU C 85 -15.20 -5.05 19.46
C GLU C 85 -15.86 -3.77 19.95
N ARG C 86 -15.11 -2.67 19.94
CA ARG C 86 -15.69 -1.35 20.21
C ARG C 86 -16.85 -1.09 19.22
N TYR C 87 -16.60 -1.35 17.94
CA TYR C 87 -17.63 -1.14 16.94
C TYR C 87 -18.86 -2.08 17.15
N THR C 88 -18.62 -3.38 17.29
CA THR C 88 -19.71 -4.35 17.38
C THR C 88 -20.53 -4.25 18.67
N HIS C 89 -19.94 -3.71 19.73
CA HIS C 89 -20.68 -3.40 20.95
C HIS C 89 -21.66 -2.27 20.73
N ARG C 90 -21.19 -1.24 20.04
CA ARG C 90 -22.03 -0.11 19.78
C ARG C 90 -23.12 -0.50 18.76
N ARG C 91 -22.80 -1.36 17.80
CA ARG C 91 -23.78 -1.81 16.81
C ARG C 91 -24.92 -2.51 17.52
N LYS C 92 -24.58 -3.30 18.55
CA LYS C 92 -25.59 -4.01 19.36
C LYS C 92 -26.53 -3.05 20.11
N GLU C 93 -26.00 -2.04 20.79
CA GLU C 93 -26.86 -1.04 21.46
C GLU C 93 -27.80 -0.35 20.47
N VAL C 94 -27.24 0.06 19.32
CA VAL C 94 -28.05 0.77 18.33
C VAL C 94 -29.10 -0.14 17.74
N SER C 95 -28.67 -1.35 17.40
CA SER C 95 -29.59 -2.32 16.84
C SER C 95 -30.76 -2.57 17.78
N GLU C 96 -30.48 -2.76 19.06
CA GLU C 96 -31.53 -2.99 20.04
C GLU C 96 -32.41 -1.76 20.23
N GLU C 97 -31.82 -0.57 20.26
CA GLU C 97 -32.63 0.64 20.34
C GLU C 97 -33.49 0.90 19.09
N ASN C 98 -33.12 0.34 17.93
CA ASN C 98 -33.87 0.52 16.68
C ASN C 98 -34.54 -0.81 16.32
N HIS C 99 -35.05 -1.48 17.35
CA HIS C 99 -35.91 -2.65 17.18
C HIS C 99 -35.30 -3.69 16.31
N ASN C 100 -34.08 -4.04 16.71
CA ASN C 100 -33.25 -5.06 16.11
CA ASN C 100 -33.27 -5.09 16.09
C ASN C 100 -32.95 -4.81 14.61
N HIS C 101 -32.42 -3.63 14.33
CA HIS C 101 -32.01 -3.26 12.99
C HIS C 101 -30.83 -2.29 13.06
N ALA C 102 -29.60 -2.81 12.90
CA ALA C 102 -28.38 -1.97 12.86
C ALA C 102 -28.42 -0.95 11.75
N ASN C 103 -29.05 -1.27 10.63
CA ASN C 103 -29.09 -0.35 9.45
C ASN C 103 -27.65 -0.02 9.05
N GLU C 104 -26.87 -1.08 8.89
CA GLU C 104 -25.45 -1.01 8.63
C GLU C 104 -25.13 -0.95 7.13
N ARG C 105 -24.27 0.01 6.75
CA ARG C 105 -23.87 0.23 5.36
C ARG C 105 -22.35 0.14 5.17
N MET C 106 -21.91 0.06 3.92
CA MET C 106 -20.50 0.26 3.58
C MET C 106 -20.42 1.63 2.90
N LEU C 107 -19.60 2.53 3.43
CA LEU C 107 -19.52 3.92 2.93
C LEU C 107 -18.07 4.43 2.90
N PHE C 108 -17.78 5.35 2.00
CA PHE C 108 -16.44 5.91 1.87
C PHE C 108 -16.15 6.99 2.88
N HIS C 109 -14.87 7.16 3.20
CA HIS C 109 -14.39 8.26 4.03
C HIS C 109 -13.03 8.67 3.58
N GLY C 110 -12.88 9.96 3.30
CA GLY C 110 -11.61 10.50 2.86
C GLY C 110 -11.22 11.51 3.92
N SER C 111 -9.97 11.49 4.36
CA SER C 111 -9.56 12.33 5.46
C SER C 111 -8.04 12.44 5.51
N PRO C 112 -7.51 13.62 5.87
CA PRO C 112 -6.09 13.67 6.21
C PRO C 112 -5.74 12.90 7.48
N PHE C 113 -6.71 12.52 8.30
CA PHE C 113 -6.37 11.82 9.54
C PHE C 113 -6.41 10.29 9.33
N VAL C 114 -6.39 9.84 8.08
CA VAL C 114 -6.54 8.41 7.77
C VAL C 114 -5.55 7.53 8.55
N ASN C 115 -4.31 7.99 8.74
CA ASN C 115 -3.32 7.19 9.46
CA ASN C 115 -3.35 7.16 9.42
C ASN C 115 -3.69 7.02 10.91
N ALA C 116 -4.17 8.08 11.52
CA ALA C 116 -4.63 7.97 12.91
C ALA C 116 -5.90 7.12 13.01
N ILE C 117 -6.82 7.25 12.05
CA ILE C 117 -8.10 6.53 12.10
C ILE C 117 -7.88 5.00 12.16
N ILE C 118 -7.08 4.48 11.27
CA ILE C 118 -6.89 3.03 11.23
C ILE C 118 -6.19 2.49 12.47
N HIS C 119 -5.45 3.34 13.18
CA HIS C 119 -4.74 2.86 14.34
C HIS C 119 -5.52 3.04 15.60
N LYS C 120 -6.17 4.20 15.74
CA LYS C 120 -6.87 4.54 16.97
C LYS C 120 -8.39 4.57 16.86
N GLY C 121 -8.94 4.42 15.65
CA GLY C 121 -10.42 4.40 15.48
C GLY C 121 -10.90 5.80 15.20
N PHE C 122 -12.19 5.95 14.83
CA PHE C 122 -12.79 7.30 14.68
C PHE C 122 -13.07 7.93 16.03
N ASP C 123 -12.86 9.23 16.18
CA ASP C 123 -13.32 9.96 17.37
C ASP C 123 -13.57 11.45 17.05
N GLU C 124 -13.99 12.22 18.04
CA GLU C 124 -14.36 13.64 17.80
C GLU C 124 -13.40 14.43 16.91
N ARG C 125 -12.11 14.13 16.97
CA ARG C 125 -11.13 14.85 16.16
C ARG C 125 -11.21 14.54 14.66
N HIS C 126 -12.02 13.53 14.30
CA HIS C 126 -12.25 13.17 12.88
C HIS C 126 -13.56 13.73 12.33
N ALA C 127 -14.19 14.59 13.12
CA ALA C 127 -15.50 15.17 12.81
C ALA C 127 -15.35 16.44 11.99
N TYR C 128 -16.41 16.79 11.30
CA TYR C 128 -16.44 17.94 10.43
C TYR C 128 -17.28 18.96 11.16
N ILE C 129 -16.61 19.85 11.88
CA ILE C 129 -17.36 20.74 12.77
C ILE C 129 -18.37 21.56 11.97
N GLY C 130 -17.98 22.05 10.81
CA GLY C 130 -18.86 22.92 10.02
C GLY C 130 -19.70 22.21 8.99
N GLY C 131 -19.94 20.92 9.18
CA GLY C 131 -20.71 20.18 8.18
C GLY C 131 -22.15 20.67 8.11
N MET C 132 -22.76 20.52 6.94
CA MET C 132 -24.16 20.90 6.71
C MET C 132 -25.19 20.24 7.64
N PHE C 133 -24.87 19.10 8.25
CA PHE C 133 -25.79 18.47 9.19
C PHE C 133 -25.15 18.39 10.56
N GLY C 134 -24.38 19.40 10.93
CA GLY C 134 -23.85 19.49 12.26
C GLY C 134 -22.55 18.75 12.42
N ALA C 135 -21.90 18.99 13.56
CA ALA C 135 -20.56 18.46 13.85
C ALA C 135 -20.56 16.99 14.15
N GLY C 136 -20.37 16.18 13.12
CA GLY C 136 -20.19 14.74 13.29
C GLY C 136 -19.22 14.21 12.25
N ILE C 137 -19.17 12.89 12.13
CA ILE C 137 -18.27 12.23 11.18
C ILE C 137 -19.09 11.88 9.93
N TYR C 138 -18.60 12.35 8.78
CA TYR C 138 -19.26 12.25 7.49
C TYR C 138 -18.72 11.09 6.60
N PHE C 139 -19.64 10.47 5.87
CA PHE C 139 -19.37 9.39 4.97
C PHE C 139 -20.17 9.58 3.70
N ALA C 140 -19.69 8.98 2.60
CA ALA C 140 -20.30 9.14 1.29
C ALA C 140 -20.53 7.81 0.57
N GLU C 141 -21.66 7.74 -0.12
CA GLU C 141 -21.90 6.70 -1.12
C GLU C 141 -21.09 6.96 -2.41
N ASN C 142 -20.88 8.23 -2.78
CA ASN C 142 -19.98 8.53 -3.91
C ASN C 142 -18.52 8.53 -3.45
N SER C 143 -17.71 7.65 -4.00
CA SER C 143 -16.28 7.65 -3.66
C SER C 143 -15.65 9.01 -3.99
N SER C 144 -16.10 9.63 -5.08
CA SER C 144 -15.55 10.91 -5.52
C SER C 144 -15.88 12.05 -4.56
N LYS C 145 -16.95 11.92 -3.78
CA LYS C 145 -17.28 12.91 -2.73
C LYS C 145 -16.21 12.81 -1.64
N SER C 146 -15.98 11.59 -1.14
CA SER C 146 -14.95 11.35 -0.14
C SER C 146 -13.56 11.79 -0.64
N ASN C 147 -13.25 11.54 -1.91
CA ASN C 147 -11.98 12.00 -2.52
C ASN C 147 -11.76 13.52 -2.36
N GLN C 148 -12.83 14.29 -2.40
CA GLN C 148 -12.74 15.76 -2.14
C GLN C 148 -12.17 16.16 -0.74
N TYR C 149 -12.10 15.22 0.21
CA TYR C 149 -11.61 15.51 1.58
C TYR C 149 -10.26 14.86 1.92
N VAL C 150 -9.75 14.06 1.00
CA VAL C 150 -8.49 13.33 1.21
C VAL C 150 -7.40 14.31 1.63
N TYR C 151 -7.30 15.45 0.96
CA TYR C 151 -6.34 16.50 1.36
C TYR C 151 -6.92 17.64 2.26
N GLY C 152 -8.03 17.37 2.93
CA GLY C 152 -8.65 18.34 3.85
C GLY C 152 -9.96 18.92 3.31
N ILE C 153 -10.57 19.82 4.08
CA ILE C 153 -11.85 20.41 3.71
C ILE C 153 -11.60 21.24 2.46
N GLY C 154 -12.48 21.13 1.47
CA GLY C 154 -12.30 21.83 0.20
C GLY C 154 -11.10 21.31 -0.58
N GLY C 155 -10.51 20.21 -0.11
CA GLY C 155 -9.31 19.65 -0.72
C GLY C 155 -8.02 20.31 -0.29
N GLY C 156 -8.12 21.22 0.70
CA GLY C 156 -6.98 21.97 1.24
C GLY C 156 -6.20 22.63 0.15
N THR C 157 -4.89 22.48 0.19
CA THR C 157 -4.01 22.95 -0.88
C THR C 157 -3.50 21.78 -1.74
N GLY C 158 -4.18 20.65 -1.70
CA GLY C 158 -3.91 19.52 -2.59
C GLY C 158 -2.75 18.65 -2.10
N CYS C 159 -2.14 17.88 -2.99
CA CYS C 159 -1.08 16.97 -2.57
C CYS C 159 0.06 17.72 -1.85
N PRO C 160 0.76 17.05 -0.93
CA PRO C 160 1.88 17.77 -0.30
C PRO C 160 3.04 18.13 -1.26
N VAL C 161 3.34 17.28 -2.23
CA VAL C 161 4.53 17.49 -3.09
C VAL C 161 4.32 18.62 -4.08
N HIS C 162 3.16 18.67 -4.69
CA HIS C 162 2.91 19.62 -5.78
C HIS C 162 1.90 20.67 -5.46
N LYS C 163 1.29 20.64 -4.28
CA LYS C 163 0.16 21.51 -3.93
C LYS C 163 -0.89 21.51 -5.06
N ASP C 164 -1.25 20.32 -5.53
CA ASP C 164 -2.16 20.22 -6.63
C ASP C 164 -3.33 19.36 -6.19
N ARG C 165 -4.52 19.97 -6.12
CA ARG C 165 -5.73 19.24 -5.76
C ARG C 165 -6.11 18.22 -6.82
N SER C 166 -5.64 18.46 -8.05
CA SER C 166 -5.88 17.53 -9.14
C SER C 166 -4.65 16.68 -9.48
N CYS C 167 -3.72 16.49 -8.54
CA CYS C 167 -2.49 15.74 -8.83
C CYS C 167 -2.79 14.31 -9.29
N TYR C 168 -2.18 13.92 -10.41
CA TYR C 168 -2.32 12.60 -11.03
C TYR C 168 -1.13 11.66 -10.71
N ILE C 169 -0.15 12.20 -10.00
CA ILE C 169 1.09 11.53 -9.64
C ILE C 169 1.00 10.97 -8.23
N CYS C 170 0.64 11.80 -7.28
CA CYS C 170 0.70 11.38 -5.87
C CYS C 170 -0.39 10.39 -5.48
N HIS C 171 0.01 9.44 -4.65
CA HIS C 171 -0.85 8.36 -4.19
C HIS C 171 -1.78 8.89 -3.16
N ARG C 172 -3.08 8.52 -3.26
CA ARG C 172 -4.10 8.89 -2.29
C ARG C 172 -4.61 7.70 -1.54
N GLN C 173 -5.22 7.93 -0.39
CA GLN C 173 -5.88 6.87 0.37
C GLN C 173 -7.29 7.29 0.81
N LEU C 174 -8.24 6.36 0.70
CA LEU C 174 -9.63 6.48 1.20
C LEU C 174 -9.88 5.27 2.06
N LEU C 175 -10.87 5.39 2.92
CA LEU C 175 -11.32 4.26 3.68
C LEU C 175 -12.68 3.87 3.14
N PHE C 176 -12.92 2.58 3.10
CA PHE C 176 -14.24 2.08 2.85
C PHE C 176 -14.65 1.40 4.17
N CYS C 177 -15.69 1.94 4.79
CA CYS C 177 -15.99 1.67 6.19
C CYS C 177 -17.33 1.00 6.44
N ARG C 178 -17.40 0.22 7.51
CA ARG C 178 -18.65 -0.36 7.95
C ARG C 178 -19.26 0.68 8.90
N VAL C 179 -20.49 1.14 8.61
CA VAL C 179 -21.14 2.25 9.33
C VAL C 179 -22.54 1.87 9.83
N THR C 180 -22.77 2.06 11.14
CA THR C 180 -24.09 1.73 11.76
C THR C 180 -24.96 2.98 11.79
N LEU C 181 -26.01 3.01 10.98
CA LEU C 181 -26.84 4.21 10.89
C LEU C 181 -27.97 4.20 11.94
N GLY C 182 -28.45 3.01 12.29
CA GLY C 182 -29.64 2.85 13.13
C GLY C 182 -30.81 3.64 12.58
N LYS C 183 -31.54 4.31 13.45
CA LYS C 183 -32.66 5.14 13.01
C LYS C 183 -32.05 6.40 12.45
N SER C 184 -32.08 6.55 11.13
CA SER C 184 -31.42 7.70 10.51
C SER C 184 -32.44 8.78 10.17
N PHE C 185 -32.11 10.03 10.47
CA PHE C 185 -32.99 11.16 10.21
C PHE C 185 -32.73 11.63 8.79
N LEU C 186 -33.78 11.63 7.98
CA LEU C 186 -33.69 12.03 6.59
C LEU C 186 -33.67 13.55 6.45
N GLN C 187 -32.59 14.13 5.97
CA GLN C 187 -32.53 15.56 5.69
C GLN C 187 -32.35 15.75 4.18
N PHE C 188 -33.34 16.25 3.48
CA PHE C 188 -33.17 16.64 2.07
C PHE C 188 -32.30 17.89 2.03
N SER C 189 -31.36 17.94 1.11
CA SER C 189 -30.44 19.04 1.07
C SER C 189 -30.54 19.65 -0.30
N ALA C 190 -30.23 20.93 -0.37
CA ALA C 190 -30.32 21.69 -1.60
C ALA C 190 -29.27 21.29 -2.65
N MET C 191 -28.29 20.46 -2.26
CA MET C 191 -27.19 20.04 -3.14
C MET C 191 -27.65 19.14 -4.32
N MET D 2 -18.15 17.23 19.56
CA MET D 2 -19.17 16.68 18.61
C MET D 2 -20.62 16.95 19.04
N ALA D 3 -21.47 17.32 18.07
CA ALA D 3 -22.91 17.43 18.28
C ALA D 3 -23.52 16.06 18.57
N HIS D 4 -24.81 16.03 18.89
CA HIS D 4 -25.49 14.79 19.18
C HIS D 4 -26.50 14.52 18.11
N SER D 5 -26.90 13.27 18.00
CA SER D 5 -27.88 12.88 16.98
C SER D 5 -29.19 13.59 17.27
N PRO D 6 -30.03 13.71 16.23
CA PRO D 6 -31.41 14.14 16.47
C PRO D 6 -32.12 13.19 17.46
N PRO D 7 -32.82 13.74 18.47
CA PRO D 7 -33.60 12.93 19.41
C PRO D 7 -34.24 11.64 18.83
N GLY D 8 -33.95 10.53 19.49
CA GLY D 8 -34.41 9.23 19.08
C GLY D 8 -33.77 8.73 17.78
N HIS D 9 -32.73 9.42 17.29
CA HIS D 9 -32.03 9.02 16.06
C HIS D 9 -30.58 8.73 16.27
N HIS D 10 -29.99 7.88 15.43
CA HIS D 10 -28.58 7.49 15.58
C HIS D 10 -27.65 8.07 14.53
N SER D 11 -28.20 8.76 13.54
CA SER D 11 -27.43 9.30 12.43
C SER D 11 -28.32 10.23 11.62
N VAL D 12 -27.71 10.95 10.69
CA VAL D 12 -28.44 11.77 9.71
C VAL D 12 -28.11 11.31 8.30
N THR D 13 -29.14 11.18 7.46
CA THR D 13 -29.00 10.88 6.04
C THR D 13 -29.22 12.18 5.29
N GLY D 14 -28.15 12.71 4.70
CA GLY D 14 -28.20 13.92 3.86
C GLY D 14 -28.44 13.49 2.42
N ARG D 15 -29.59 13.83 1.86
CA ARG D 15 -29.95 13.35 0.53
C ARG D 15 -30.05 14.48 -0.49
N PRO D 16 -29.14 14.53 -1.47
CA PRO D 16 -29.26 15.64 -2.42
C PRO D 16 -30.61 15.62 -3.14
N SER D 17 -31.22 16.79 -3.30
CA SER D 17 -32.53 16.92 -3.96
C SER D 17 -32.50 17.77 -5.24
N VAL D 18 -31.34 18.33 -5.59
CA VAL D 18 -31.21 19.06 -6.84
C VAL D 18 -30.45 18.21 -7.84
N ASN D 19 -29.27 17.73 -7.47
CA ASN D 19 -28.55 16.84 -8.38
C ASN D 19 -29.04 15.40 -8.25
N GLY D 20 -29.81 14.93 -9.22
CA GLY D 20 -30.35 13.57 -9.17
C GLY D 20 -29.34 12.46 -9.40
N LEU D 21 -28.11 12.82 -9.78
CA LEU D 21 -27.06 11.82 -9.90
C LEU D 21 -26.17 11.76 -8.65
N ALA D 22 -26.37 12.68 -7.72
CA ALA D 22 -25.61 12.68 -6.47
C ALA D 22 -26.18 11.70 -5.45
N LEU D 23 -25.32 10.89 -4.85
CA LEU D 23 -25.75 9.95 -3.82
C LEU D 23 -25.74 10.56 -2.43
N ALA D 24 -26.20 9.80 -1.45
CA ALA D 24 -26.39 10.33 -0.10
C ALA D 24 -25.07 10.43 0.67
N GLU D 25 -25.10 11.27 1.68
CA GLU D 25 -23.98 11.45 2.59
C GLU D 25 -24.54 11.15 3.95
N TYR D 26 -23.74 10.58 4.85
CA TYR D 26 -24.24 10.20 6.16
C TYR D 26 -23.39 10.76 7.31
N VAL D 27 -24.06 11.14 8.40
CA VAL D 27 -23.37 11.64 9.56
C VAL D 27 -23.66 10.82 10.78
N ILE D 28 -22.60 10.41 11.46
CA ILE D 28 -22.73 9.79 12.77
C ILE D 28 -22.12 10.73 13.78
N TYR D 29 -22.58 10.62 15.03
CA TYR D 29 -22.10 11.47 16.11
C TYR D 29 -21.29 10.74 17.17
N ARG D 30 -21.00 9.47 16.93
CA ARG D 30 -20.23 8.61 17.82
C ARG D 30 -19.20 7.91 16.97
N GLY D 31 -17.93 7.98 17.34
CA GLY D 31 -16.89 7.31 16.56
C GLY D 31 -16.98 5.80 16.58
N GLU D 32 -17.58 5.25 17.63
CA GLU D 32 -17.77 3.80 17.72
C GLU D 32 -18.75 3.25 16.67
N GLN D 33 -19.53 4.10 16.01
CA GLN D 33 -20.50 3.63 14.98
C GLN D 33 -19.93 3.43 13.57
N ALA D 34 -18.62 3.58 13.42
CA ALA D 34 -17.98 3.29 12.14
C ALA D 34 -16.71 2.43 12.36
N TYR D 35 -16.48 1.48 11.44
CA TYR D 35 -15.25 0.70 11.46
C TYR D 35 -14.56 0.85 10.10
N PRO D 36 -13.26 1.21 10.08
CA PRO D 36 -12.53 1.39 8.82
C PRO D 36 -12.06 0.05 8.25
N GLU D 37 -12.93 -0.65 7.56
CA GLU D 37 -12.62 -2.01 7.16
C GLU D 37 -11.58 -2.14 6.04
N TYR D 38 -11.55 -1.21 5.08
CA TYR D 38 -10.60 -1.29 3.96
C TYR D 38 -9.84 0.02 3.76
N LEU D 39 -8.53 -0.09 3.51
CA LEU D 39 -7.69 1.05 3.20
C LEU D 39 -7.34 0.92 1.74
N ILE D 40 -7.78 1.88 0.92
CA ILE D 40 -7.65 1.84 -0.52
C ILE D 40 -6.64 2.91 -0.91
N THR D 41 -5.61 2.53 -1.66
CA THR D 41 -4.56 3.43 -2.14
C THR D 41 -4.70 3.54 -3.66
N TYR D 42 -4.65 4.77 -4.17
CA TYR D 42 -5.08 5.01 -5.55
C TYR D 42 -4.59 6.34 -6.06
N GLN D 43 -4.70 6.49 -7.36
CA GLN D 43 -4.48 7.76 -8.03
C GLN D 43 -5.76 8.07 -8.77
N ILE D 44 -6.05 9.36 -8.95
CA ILE D 44 -7.09 9.79 -9.90
C ILE D 44 -6.41 9.74 -11.28
N MET D 45 -7.16 9.44 -12.32
CA MET D 45 -6.60 9.39 -13.67
C MET D 45 -7.01 10.58 -14.53
N ARG D 46 -6.04 11.14 -15.24
CA ARG D 46 -6.34 12.23 -16.18
C ARG D 46 -7.24 11.70 -17.31
N PRO D 47 -8.40 12.32 -17.56
CA PRO D 47 -9.23 11.87 -18.70
C PRO D 47 -8.52 12.02 -20.05
N GLU D 48 -9.00 11.31 -21.05
CA GLU D 48 -8.53 11.47 -22.41
C GLU D 48 -9.47 12.31 -23.22
ZN ZN E . 8.36 -25.01 5.77
S SO4 F . 4.96 -2.93 5.02
O1 SO4 F . 5.46 -2.37 6.28
O2 SO4 F . 5.87 -3.65 4.14
O3 SO4 F . 4.13 -4.10 5.41
O4 SO4 F . 4.06 -2.01 4.34
S SO4 G . 14.99 -12.41 18.77
O1 SO4 G . 14.67 -12.95 20.12
O2 SO4 G . 16.08 -11.39 18.79
O3 SO4 G . 15.38 -13.49 17.82
O4 SO4 G . 13.77 -11.78 18.26
O1 FLN H . 8.69 -7.49 -5.00
C8A FLN H . 9.15 -6.50 -4.18
C4A FLN H . 10.44 -6.60 -3.68
C4 FLN H . 11.23 -7.74 -3.96
C3 FLN H . 10.73 -8.71 -4.82
C2 FLN H . 9.45 -8.55 -5.36
C1' FLN H . 8.81 -9.38 -6.30
C2' FLN H . 9.43 -10.51 -6.87
C3' FLN H . 8.79 -11.28 -7.84
C4' FLN H . 7.54 -10.94 -8.28
C5' FLN H . 6.89 -9.83 -7.73
C6' FLN H . 7.52 -9.04 -6.76
O4 FLN H . 12.33 -7.96 -3.40
C5 FLN H . 10.92 -5.56 -2.89
C6 FLN H . 10.11 -4.46 -2.62
C7 FLN H . 8.81 -4.36 -3.13
C8 FLN H . 8.35 -5.41 -3.94
C1 GOL I . 7.93 9.75 8.65
O1 GOL I . 6.66 9.09 8.75
C2 GOL I . 7.86 10.71 7.46
O2 GOL I . 8.98 11.63 7.53
C3 GOL I . 7.90 9.95 6.14
O3 GOL I . 7.52 8.57 6.24
C1 PEG J . 30.99 -9.19 -9.52
O1 PEG J . 31.63 -7.94 -9.28
C2 PEG J . 31.70 -9.80 -10.71
O2 PEG J . 31.05 -11.03 -10.97
C3 PEG J . 31.26 -11.53 -12.30
C4 PEG J . 32.41 -12.51 -12.33
O4 PEG J . 32.99 -12.56 -13.64
ZN ZN K . 1.30 15.51 -6.24
S SO4 L . -20.85 18.51 -5.28
O1 SO4 L . -21.04 18.29 -6.74
O2 SO4 L . -21.82 17.71 -4.53
O3 SO4 L . -19.59 17.95 -4.73
O4 SO4 L . -21.14 19.88 -4.92
S SO4 M . -11.22 8.61 -19.23
O1 SO4 M . -10.40 8.97 -20.42
O2 SO4 M . -12.02 7.40 -19.48
O3 SO4 M . -10.35 8.36 -18.01
O4 SO4 M . -12.11 9.76 -19.01
O1 FLN N . -16.19 15.05 4.95
C8A FLN N . -17.15 14.49 4.14
C4A FLN N . -16.95 13.21 3.62
C4 FLN N . -15.79 12.49 3.91
C3 FLN N . -14.86 13.04 4.80
C2 FLN N . -15.10 14.32 5.34
C1' FLN N . -14.24 14.99 6.25
C2' FLN N . -13.10 14.40 6.83
C3' FLN N . -12.32 15.11 7.73
C4' FLN N . -12.63 16.39 8.14
C5' FLN N . -13.74 16.97 7.57
C6' FLN N . -14.56 16.29 6.64
O4 FLN N . -15.57 11.40 3.38
C5 FLN N . -17.97 12.63 2.86
C6 FLN N . -19.14 13.34 2.59
C7 FLN N . -19.31 14.62 3.08
C8 FLN N . -18.30 15.19 3.84
C1 GOL O . -14.91 17.05 -14.54
O1 GOL O . -15.73 18.22 -14.55
C2 GOL O . -15.19 16.24 -13.27
O2 GOL O . -14.08 15.38 -12.91
C3 GOL O . -15.50 17.20 -12.12
O3 GOL O . -16.12 16.47 -11.07
C1 PEG P . -15.61 -7.75 9.44
O1 PEG P . -16.04 -8.84 8.62
C2 PEG P . -14.33 -8.13 10.19
O2 PEG P . -13.34 -7.09 10.02
C3 PEG P . -12.06 -7.45 10.54
C4 PEG P . -12.10 -7.49 12.07
O4 PEG P . -10.88 -6.93 12.59
#